data_1RTR
#
_entry.id   1RTR
#
_cell.length_a   150.201
_cell.length_b   150.201
_cell.length_c   163.184
_cell.angle_alpha   90.00
_cell.angle_beta   90.00
_cell.angle_gamma   120.00
#
_symmetry.space_group_name_H-M   'P 61 2 2'
#
loop_
_entity.id
_entity.type
_entity.pdbx_description
1 polymer geranyltranstransferase
2 water water
#
_entity_poly.entity_id   1
_entity_poly.type   'polypeptide(L)'
_entity_poly.pdbx_seq_one_letter_code
;MTNLPMNKLIDEVNNELSVAINKSVMDTQLEESMLYSLNAGGKRIRPVLLLLTLDSLNTEYELGMKSAIALEMIHTYSLI
HDDLPAMDNDDYRRGKLTNHKVYGEWTAILAGDALLTKAFELISSDDRLTDEVKIKVLQRLSIASGHVGMVGGQMLDMQS
EGQPIDLETLEMIHKTKTGALLTFAVMSAADIANVDDTTKEHLESYSYHLGMMFQIKDDLLDCYGDEAKLGKKVGSDLEN
NKSTYVSLLGKDGAEDKLTYHRDAAVDELTQIDEQFNTKHLLEIVDLFYSRDHKGHHHHHH
;
_entity_poly.pdbx_strand_id   A,B
#
# COMPACT_ATOMS: atom_id res chain seq x y z
N THR A 2 -0.16 13.07 30.93
CA THR A 2 1.29 12.87 31.19
C THR A 2 2.11 14.00 30.58
N ASN A 3 3.29 14.22 31.15
CA ASN A 3 4.23 15.22 30.64
C ASN A 3 5.14 14.62 29.57
N LEU A 4 4.91 15.02 28.31
CA LEU A 4 5.72 14.53 27.20
C LEU A 4 6.16 15.69 26.31
N PRO A 5 7.35 16.22 26.57
CA PRO A 5 7.94 17.28 25.72
C PRO A 5 7.89 16.83 24.26
N MET A 6 7.52 17.75 23.38
CA MET A 6 7.40 17.45 21.96
C MET A 6 8.71 16.93 21.38
N ASN A 7 9.82 17.61 21.69
CA ASN A 7 11.12 17.21 21.17
C ASN A 7 11.59 15.83 21.64
N LYS A 8 11.08 15.38 22.79
CA LYS A 8 11.42 14.05 23.29
C LYS A 8 10.64 12.93 22.57
N LEU A 9 9.43 13.25 22.08
CA LEU A 9 8.68 12.33 21.23
C LEU A 9 9.29 12.25 19.82
N ILE A 10 9.56 13.42 19.23
CA ILE A 10 10.26 13.51 17.95
C ILE A 10 11.53 12.65 17.96
N ASP A 11 12.28 12.71 19.05
CA ASP A 11 13.52 11.95 19.21
C ASP A 11 13.27 10.45 19.19
N GLU A 12 12.27 10.02 19.97
CA GLU A 12 11.91 8.61 20.02
C GLU A 12 11.45 8.10 18.66
N VAL A 13 10.62 8.89 17.98
CA VAL A 13 10.18 8.58 16.63
C VAL A 13 11.39 8.42 15.71
N ASN A 14 12.30 9.39 15.76
CA ASN A 14 13.50 9.32 14.94
C ASN A 14 14.36 8.06 15.18
N ASN A 15 14.53 7.67 16.46
CA ASN A 15 15.29 6.46 16.78
C ASN A 15 14.61 5.20 16.22
N GLU A 16 13.30 5.14 16.38
CA GLU A 16 12.53 4.03 15.83
C GLU A 16 12.57 3.98 14.30
N LEU A 17 12.52 5.14 13.66
CA LEU A 17 12.51 5.18 12.20
C LEU A 17 13.86 4.82 11.57
N SER A 18 14.96 5.15 12.27
CA SER A 18 16.31 4.86 11.78
C SER A 18 16.61 3.36 11.74
N VAL A 19 15.86 2.61 12.54
CA VAL A 19 16.10 1.18 12.68
C VAL A 19 14.83 0.37 12.36
N ALA A 20 13.95 0.94 11.52
CA ALA A 20 12.63 0.35 11.22
C ALA A 20 12.63 -0.58 10.00
N ILE A 21 13.68 -0.49 9.20
CA ILE A 21 13.88 -1.35 8.05
C ILE A 21 15.20 -2.11 8.23
N ASN A 22 15.16 -3.42 8.11
CA ASN A 22 16.37 -4.24 8.23
C ASN A 22 17.14 -4.31 6.92
N LYS A 23 18.47 -4.38 7.04
CA LYS A 23 19.37 -4.37 5.87
C LYS A 23 19.08 -5.48 4.84
N SER A 24 19.37 -5.15 3.58
CA SER A 24 19.08 -5.98 2.42
C SER A 24 19.63 -7.40 2.48
N VAL A 25 18.76 -8.37 2.23
CA VAL A 25 19.19 -9.77 2.09
C VAL A 25 19.50 -10.10 0.61
N MET A 26 18.98 -9.28 -0.29
CA MET A 26 19.09 -9.52 -1.74
C MET A 26 20.18 -8.67 -2.39
N ASP A 27 20.90 -7.88 -1.59
CA ASP A 27 21.97 -6.98 -2.06
C ASP A 27 21.51 -5.94 -3.11
N THR A 28 20.52 -5.13 -2.73
CA THR A 28 20.13 -3.94 -3.51
C THR A 28 20.10 -2.72 -2.60
N GLN A 29 19.96 -1.56 -3.24
CA GLN A 29 19.90 -0.30 -2.52
C GLN A 29 18.50 0.03 -1.98
N LEU A 30 17.53 -0.84 -2.26
CA LEU A 30 16.13 -0.60 -1.91
C LEU A 30 15.97 -0.10 -0.48
N GLU A 31 16.56 -0.81 0.47
CA GLU A 31 16.39 -0.41 1.85
C GLU A 31 17.24 0.82 2.29
N GLU A 32 18.36 1.08 1.62
CA GLU A 32 19.06 2.33 1.92
C GLU A 32 18.33 3.53 1.29
N SER A 33 17.64 3.29 0.17
CA SER A 33 16.72 4.26 -0.40
C SER A 33 15.52 4.53 0.50
N MET A 34 14.86 3.47 0.99
CA MET A 34 13.76 3.58 1.94
C MET A 34 14.19 4.39 3.16
N LEU A 35 15.30 3.96 3.76
CA LEU A 35 15.86 4.58 4.96
C LEU A 35 16.30 6.02 4.74
N TYR A 36 16.87 6.29 3.57
CA TYR A 36 17.29 7.65 3.21
C TYR A 36 16.17 8.66 3.40
N SER A 37 15.01 8.41 2.77
CA SER A 37 13.86 9.30 2.86
C SER A 37 13.19 9.27 4.23
N LEU A 38 13.13 8.08 4.83
CA LEU A 38 12.58 7.90 6.15
C LEU A 38 13.31 8.73 7.20
N ASN A 39 14.62 8.91 6.99
CA ASN A 39 15.47 9.69 7.89
C ASN A 39 15.72 11.13 7.45
N ALA A 40 15.16 11.52 6.30
CA ALA A 40 15.24 12.90 5.80
C ALA A 40 15.11 13.90 6.92
N GLY A 41 14.27 13.57 7.90
CA GLY A 41 14.09 14.40 9.07
C GLY A 41 13.10 15.50 8.75
N GLY A 42 11.97 15.45 9.44
CA GLY A 42 10.97 16.48 9.35
C GLY A 42 10.52 16.85 10.74
N LYS A 43 9.32 17.42 10.81
CA LYS A 43 8.74 17.85 12.08
C LYS A 43 8.08 16.67 12.80
N ARG A 44 7.69 15.65 12.01
CA ARG A 44 7.03 14.42 12.49
C ARG A 44 5.68 14.62 13.17
N ILE A 45 4.90 15.61 12.72
CA ILE A 45 3.66 15.96 13.41
C ILE A 45 2.63 14.87 13.38
N ARG A 46 2.58 14.10 12.29
CA ARG A 46 1.57 13.04 12.15
C ARG A 46 1.73 11.97 13.21
N PRO A 47 2.91 11.31 13.30
CA PRO A 47 3.18 10.37 14.39
C PRO A 47 2.99 11.00 15.75
N VAL A 48 3.51 12.21 15.92
CA VAL A 48 3.44 12.88 17.22
C VAL A 48 2.01 13.15 17.63
N LEU A 49 1.21 13.65 16.68
CA LEU A 49 -0.22 13.82 16.88
C LEU A 49 -0.87 12.56 17.41
N LEU A 50 -0.58 11.42 16.77
CA LEU A 50 -1.19 10.14 17.16
C LEU A 50 -0.80 9.76 18.59
N LEU A 51 0.51 9.82 18.85
CA LEU A 51 1.06 9.60 20.19
C LEU A 51 0.42 10.51 21.25
N LEU A 52 0.41 11.83 21.01
CA LEU A 52 -0.18 12.77 21.97
C LEU A 52 -1.70 12.57 22.18
N THR A 53 -2.42 12.24 21.11
CA THR A 53 -3.85 11.93 21.24
C THR A 53 -4.13 10.76 22.21
N LEU A 54 -3.33 9.70 22.11
CA LEU A 54 -3.45 8.58 23.05
C LEU A 54 -3.20 9.02 24.50
N ASP A 55 -2.19 9.87 24.69
CA ASP A 55 -1.87 10.37 26.02
C ASP A 55 -3.01 11.21 26.63
N SER A 56 -3.62 12.07 25.81
CA SER A 56 -4.80 12.84 26.21
C SER A 56 -5.94 11.93 26.61
N LEU A 57 -5.97 10.75 26.00
CA LEU A 57 -7.06 9.82 26.25
C LEU A 57 -6.72 8.81 27.37
N ASN A 58 -5.72 9.12 28.18
CA ASN A 58 -5.38 8.31 29.36
C ASN A 58 -4.84 6.92 29.02
N THR A 59 -4.22 6.79 27.85
CA THR A 59 -3.82 5.51 27.35
C THR A 59 -2.33 5.50 27.16
N GLU A 60 -1.70 4.35 27.40
CA GLU A 60 -0.27 4.21 27.20
C GLU A 60 0.12 4.54 25.75
N TYR A 61 0.81 5.66 25.56
CA TYR A 61 1.14 6.12 24.22
C TYR A 61 1.94 5.11 23.37
N GLU A 62 2.63 4.17 24.03
CA GLU A 62 3.48 3.22 23.30
C GLU A 62 2.64 2.20 22.55
N LEU A 63 1.40 2.01 22.98
CA LEU A 63 0.45 1.19 22.22
C LEU A 63 0.35 1.61 20.76
N GLY A 64 0.53 2.90 20.49
CA GLY A 64 0.36 3.41 19.15
C GLY A 64 1.65 3.66 18.38
N MET A 65 2.77 3.23 18.93
CA MET A 65 4.05 3.49 18.27
C MET A 65 4.14 2.89 16.87
N LYS A 66 3.73 1.62 16.72
CA LYS A 66 3.81 0.98 15.42
C LYS A 66 2.89 1.69 14.40
N SER A 67 1.68 2.04 14.82
CA SER A 67 0.73 2.79 13.97
C SER A 67 1.31 4.15 13.55
N ALA A 68 1.92 4.86 14.52
CA ALA A 68 2.64 6.10 14.26
C ALA A 68 3.77 5.92 13.26
N ILE A 69 4.56 4.85 13.42
CA ILE A 69 5.64 4.55 12.46
C ILE A 69 5.06 4.28 11.08
N ALA A 70 4.05 3.42 11.02
CA ALA A 70 3.28 3.21 9.79
C ALA A 70 2.85 4.52 9.16
N LEU A 71 2.24 5.38 9.97
CA LEU A 71 1.74 6.67 9.48
C LEU A 71 2.84 7.50 8.84
N GLU A 72 4.02 7.52 9.45
CA GLU A 72 5.15 8.27 8.89
C GLU A 72 5.70 7.61 7.62
N MET A 73 5.65 6.27 7.56
CA MET A 73 6.03 5.56 6.33
C MET A 73 5.12 5.98 5.17
N ILE A 74 3.81 6.08 5.44
CA ILE A 74 2.84 6.51 4.43
C ILE A 74 3.12 7.92 3.97
N HIS A 75 3.42 8.80 4.92
CA HIS A 75 3.76 10.18 4.58
C HIS A 75 5.07 10.23 3.77
N THR A 76 6.06 9.46 4.18
CA THR A 76 7.34 9.39 3.47
C THR A 76 7.17 8.91 2.03
N TYR A 77 6.42 7.81 1.86
CA TYR A 77 6.18 7.27 0.52
C TYR A 77 5.48 8.29 -0.40
N SER A 78 4.52 9.04 0.13
CA SER A 78 3.82 10.01 -0.72
C SER A 78 4.79 11.11 -1.23
N LEU A 79 5.73 11.51 -0.37
CA LEU A 79 6.75 12.46 -0.72
C LEU A 79 7.67 11.96 -1.83
N ILE A 80 8.14 10.72 -1.71
CA ILE A 80 9.03 10.17 -2.74
C ILE A 80 8.30 10.16 -4.08
N HIS A 81 7.05 9.72 -4.10
CA HIS A 81 6.30 9.75 -5.34
C HIS A 81 6.01 11.17 -5.80
N ASP A 82 5.57 12.06 -4.88
CA ASP A 82 5.28 13.47 -5.20
C ASP A 82 6.48 14.15 -5.88
N ASP A 83 7.69 13.87 -5.39
CA ASP A 83 8.88 14.52 -5.90
C ASP A 83 9.30 14.11 -7.32
N LEU A 84 8.77 13.00 -7.83
CA LEU A 84 9.22 12.46 -9.10
C LEU A 84 8.98 13.40 -10.29
N PRO A 85 9.90 13.41 -11.26
CA PRO A 85 9.78 14.23 -12.48
C PRO A 85 8.41 14.24 -13.17
N ALA A 86 7.67 13.14 -13.15
CA ALA A 86 6.35 13.10 -13.79
C ALA A 86 5.28 13.83 -12.97
N MET A 87 5.67 14.25 -11.77
CA MET A 87 4.75 14.84 -10.80
C MET A 87 5.26 16.24 -10.43
N ASP A 88 5.59 16.48 -9.17
CA ASP A 88 6.05 17.80 -8.75
C ASP A 88 7.40 18.16 -9.34
N ASN A 89 8.25 17.15 -9.49
CA ASN A 89 9.60 17.29 -10.05
C ASN A 89 10.49 18.16 -9.18
N ASP A 90 10.75 17.70 -7.96
CA ASP A 90 11.61 18.42 -7.04
C ASP A 90 12.95 17.73 -6.93
N ASP A 91 14.02 18.48 -7.10
CA ASP A 91 15.38 17.97 -6.94
C ASP A 91 15.85 18.08 -5.49
N TYR A 92 15.27 19.03 -4.75
CA TYR A 92 15.67 19.28 -3.36
C TYR A 92 14.44 19.33 -2.45
N ARG A 93 14.64 18.89 -1.20
CA ARG A 93 13.65 18.99 -0.14
C ARG A 93 14.40 19.15 1.17
N ARG A 94 14.08 20.21 1.90
CA ARG A 94 14.79 20.57 3.14
C ARG A 94 16.32 20.55 2.99
N GLY A 95 16.82 21.14 1.91
CA GLY A 95 18.25 21.30 1.69
C GLY A 95 19.03 20.05 1.28
N LYS A 96 18.33 18.92 1.14
CA LYS A 96 18.95 17.68 0.71
C LYS A 96 18.34 17.20 -0.61
N LEU A 97 19.10 16.41 -1.35
CA LEU A 97 18.64 15.85 -2.62
C LEU A 97 17.48 14.87 -2.40
N THR A 98 16.52 14.88 -3.32
CA THR A 98 15.38 13.96 -3.25
C THR A 98 15.79 12.55 -3.63
N ASN A 99 15.03 11.58 -3.15
CA ASN A 99 15.30 10.17 -3.40
C ASN A 99 15.74 9.87 -4.84
N HIS A 100 14.95 10.31 -5.80
CA HIS A 100 15.21 9.97 -7.21
C HIS A 100 16.46 10.62 -7.77
N LYS A 101 16.93 11.69 -7.13
CA LYS A 101 18.14 12.36 -7.54
C LYS A 101 19.39 11.59 -7.09
N VAL A 102 19.23 10.80 -6.03
CA VAL A 102 20.32 10.00 -5.47
C VAL A 102 20.32 8.54 -5.94
N TYR A 103 19.16 8.03 -6.37
CA TYR A 103 19.01 6.60 -6.63
C TYR A 103 18.42 6.26 -7.99
N GLY A 104 17.93 7.27 -8.68
CA GLY A 104 17.25 7.07 -9.94
C GLY A 104 15.76 6.96 -9.73
N GLU A 105 15.00 7.19 -10.80
CA GLU A 105 13.56 7.12 -10.76
C GLU A 105 13.00 5.74 -10.37
N TRP A 106 13.57 4.67 -10.94
CA TRP A 106 13.04 3.32 -10.69
C TRP A 106 13.22 2.86 -9.25
N THR A 107 14.37 3.19 -8.65
CA THR A 107 14.60 2.85 -7.24
C THR A 107 13.62 3.60 -6.36
N ALA A 108 13.39 4.89 -6.67
CA ALA A 108 12.50 5.73 -5.88
C ALA A 108 11.06 5.25 -5.95
N ILE A 109 10.56 4.94 -7.14
CA ILE A 109 9.21 4.41 -7.30
C ILE A 109 9.03 3.20 -6.39
N LEU A 110 9.96 2.25 -6.48
CA LEU A 110 9.90 1.01 -5.73
C LEU A 110 10.17 1.23 -4.24
N ALA A 111 10.99 2.21 -3.90
CA ALA A 111 11.19 2.52 -2.48
C ALA A 111 9.89 3.06 -1.86
N GLY A 112 9.14 3.84 -2.66
CA GLY A 112 7.82 4.30 -2.27
C GLY A 112 6.86 3.13 -2.07
N ASP A 113 6.73 2.30 -3.10
CA ASP A 113 5.85 1.13 -3.06
C ASP A 113 6.10 0.22 -1.86
N ALA A 114 7.39 0.02 -1.55
CA ALA A 114 7.78 -0.80 -0.44
C ALA A 114 7.35 -0.18 0.89
N LEU A 115 7.49 1.13 1.01
CA LEU A 115 7.15 1.80 2.26
C LEU A 115 5.65 1.74 2.52
N LEU A 116 4.86 1.98 1.46
CA LEU A 116 3.43 1.78 1.52
C LEU A 116 3.12 0.39 2.04
N THR A 117 3.69 -0.62 1.39
CA THR A 117 3.50 -1.99 1.83
C THR A 117 3.94 -2.21 3.29
N LYS A 118 5.13 -1.71 3.66
CA LYS A 118 5.64 -1.94 5.02
C LYS A 118 4.71 -1.39 6.12
N ALA A 119 4.09 -0.24 5.85
CA ALA A 119 3.18 0.38 6.81
C ALA A 119 2.08 -0.58 7.25
N PHE A 120 1.54 -1.33 6.29
CA PHE A 120 0.48 -2.30 6.58
C PHE A 120 1.00 -3.54 7.32
N GLU A 121 2.19 -3.99 6.95
CA GLU A 121 2.85 -5.08 7.67
C GLU A 121 3.03 -4.73 9.13
N LEU A 122 3.48 -3.50 9.38
CA LEU A 122 3.78 -3.03 10.74
C LEU A 122 2.58 -3.03 11.67
N ILE A 123 1.43 -2.56 11.20
CA ILE A 123 0.24 -2.52 12.04
C ILE A 123 -0.27 -3.95 12.25
N SER A 124 -0.31 -4.71 11.17
CA SER A 124 -0.82 -6.07 11.21
C SER A 124 0.01 -6.99 12.10
N SER A 125 1.25 -6.60 12.37
CA SER A 125 2.15 -7.37 13.22
C SER A 125 2.28 -6.89 14.66
N ASP A 126 1.62 -5.77 15.01
CA ASP A 126 1.73 -5.20 16.36
C ASP A 126 1.00 -5.99 17.43
N ASP A 127 1.76 -6.67 18.28
CA ASP A 127 1.21 -7.54 19.33
C ASP A 127 0.69 -6.80 20.56
N ARG A 128 0.86 -5.48 20.61
CA ARG A 128 0.32 -4.69 21.71
C ARG A 128 -1.19 -4.43 21.52
N LEU A 129 -1.68 -4.66 20.31
CA LEU A 129 -3.09 -4.47 19.97
C LEU A 129 -3.75 -5.80 19.63
N THR A 130 -5.03 -5.90 19.96
CA THR A 130 -5.84 -7.07 19.59
C THR A 130 -6.05 -7.06 18.09
N ASP A 131 -6.48 -8.18 17.55
CA ASP A 131 -6.78 -8.27 16.14
C ASP A 131 -7.96 -7.36 15.76
N GLU A 132 -8.91 -7.22 16.66
CA GLU A 132 -10.05 -6.32 16.45
C GLU A 132 -9.58 -4.85 16.26
N VAL A 133 -8.71 -4.36 17.13
CA VAL A 133 -8.23 -2.99 17.02
C VAL A 133 -7.33 -2.84 15.79
N LYS A 134 -6.55 -3.88 15.49
CA LYS A 134 -5.65 -3.86 14.34
C LYS A 134 -6.41 -3.67 13.03
N ILE A 135 -7.53 -4.39 12.88
CA ILE A 135 -8.38 -4.23 11.71
C ILE A 135 -8.89 -2.78 11.59
N LYS A 136 -9.35 -2.22 12.71
CA LYS A 136 -9.88 -0.85 12.72
C LYS A 136 -8.87 0.17 12.22
N VAL A 137 -7.64 0.07 12.75
CA VAL A 137 -6.55 0.94 12.33
C VAL A 137 -6.23 0.75 10.84
N LEU A 138 -6.08 -0.50 10.41
CA LEU A 138 -5.73 -0.82 9.02
C LEU A 138 -6.79 -0.31 8.06
N GLN A 139 -8.05 -0.60 8.38
CA GLN A 139 -9.19 -0.13 7.60
C GLN A 139 -9.13 1.37 7.44
N ARG A 140 -8.92 2.06 8.56
CA ARG A 140 -8.88 3.51 8.55
C ARG A 140 -7.68 4.05 7.78
N LEU A 141 -6.52 3.44 7.94
CA LEU A 141 -5.35 3.85 7.17
C LEU A 141 -5.58 3.68 5.65
N SER A 142 -6.19 2.58 5.25
CA SER A 142 -6.35 2.31 3.82
C SER A 142 -7.34 3.27 3.16
N ILE A 143 -8.44 3.59 3.86
CA ILE A 143 -9.36 4.63 3.42
C ILE A 143 -8.72 6.02 3.42
N ALA A 144 -7.97 6.35 4.47
CA ALA A 144 -7.31 7.66 4.57
C ALA A 144 -6.29 7.88 3.43
N SER A 145 -5.64 6.80 3.00
CA SER A 145 -4.52 6.89 2.08
C SER A 145 -4.92 6.67 0.64
N GLY A 146 -6.08 6.04 0.42
CA GLY A 146 -6.42 5.58 -0.90
C GLY A 146 -7.05 6.58 -1.84
N HIS A 147 -7.78 6.04 -2.81
CA HIS A 147 -8.32 6.85 -3.90
C HIS A 147 -9.29 7.94 -3.44
N VAL A 148 -9.96 7.75 -2.30
CA VAL A 148 -10.85 8.79 -1.76
C VAL A 148 -10.21 9.57 -0.59
N GLY A 149 -8.93 9.30 -0.33
CA GLY A 149 -8.16 10.03 0.65
C GLY A 149 -6.91 10.60 -0.01
N MET A 150 -5.75 10.32 0.60
CA MET A 150 -4.51 10.98 0.24
C MET A 150 -4.19 10.89 -1.24
N VAL A 151 -4.27 9.69 -1.87
CA VAL A 151 -3.89 9.68 -3.29
C VAL A 151 -4.92 10.35 -4.21
N GLY A 152 -6.19 10.30 -3.84
CA GLY A 152 -7.25 10.99 -4.58
C GLY A 152 -7.03 12.50 -4.59
N GLY A 153 -6.52 13.03 -3.47
CA GLY A 153 -6.19 14.44 -3.37
C GLY A 153 -5.02 14.83 -4.24
N GLN A 154 -4.03 13.94 -4.33
CA GLN A 154 -2.90 14.17 -5.22
C GLN A 154 -3.38 14.17 -6.67
N MET A 155 -4.33 13.30 -7.00
CA MET A 155 -4.88 13.29 -8.36
C MET A 155 -5.53 14.65 -8.64
N LEU A 156 -6.46 15.04 -7.76
CA LEU A 156 -7.13 16.33 -7.82
C LEU A 156 -6.14 17.49 -7.88
N ASP A 157 -5.09 17.47 -7.06
CA ASP A 157 -4.09 18.52 -7.08
C ASP A 157 -3.43 18.65 -8.46
N MET A 158 -2.97 17.52 -9.01
CA MET A 158 -2.26 17.46 -10.29
C MET A 158 -3.15 17.87 -11.46
N GLN A 159 -4.41 17.44 -11.43
CA GLN A 159 -5.41 17.85 -12.40
C GLN A 159 -5.64 19.37 -12.40
N SER A 160 -5.58 19.97 -11.21
CA SER A 160 -5.83 21.39 -11.00
C SER A 160 -4.64 22.29 -11.33
N GLU A 161 -3.48 21.69 -11.59
CA GLU A 161 -2.23 22.44 -11.75
C GLU A 161 -2.33 23.51 -12.83
N GLY A 162 -2.02 24.75 -12.44
CA GLY A 162 -2.08 25.90 -13.33
C GLY A 162 -3.46 26.25 -13.84
N GLN A 163 -4.50 25.84 -13.11
CA GLN A 163 -5.88 26.23 -13.40
C GLN A 163 -6.38 27.08 -12.25
N PRO A 164 -7.33 27.98 -12.53
CA PRO A 164 -7.96 28.79 -11.47
C PRO A 164 -9.19 28.06 -10.95
N ILE A 165 -8.99 27.24 -9.92
CA ILE A 165 -10.06 26.46 -9.32
C ILE A 165 -10.73 27.28 -8.23
N ASP A 166 -12.00 27.00 -7.96
CA ASP A 166 -12.73 27.65 -6.87
C ASP A 166 -12.39 27.09 -5.46
N LEU A 167 -12.98 27.68 -4.43
CA LEU A 167 -12.64 27.36 -3.05
C LEU A 167 -13.13 25.98 -2.58
N GLU A 168 -14.24 25.48 -3.12
CA GLU A 168 -14.67 24.14 -2.74
C GLU A 168 -13.71 23.07 -3.26
N THR A 169 -13.16 23.29 -4.45
CA THR A 169 -12.14 22.43 -5.03
C THR A 169 -10.84 22.46 -4.22
N LEU A 170 -10.34 23.67 -3.97
CA LEU A 170 -9.16 23.89 -3.13
C LEU A 170 -9.27 23.18 -1.76
N GLU A 171 -10.44 23.27 -1.15
CA GLU A 171 -10.66 22.66 0.15
C GLU A 171 -10.77 21.14 0.05
N MET A 172 -11.42 20.67 -1.01
CA MET A 172 -11.47 19.25 -1.34
C MET A 172 -10.06 18.67 -1.46
N ILE A 173 -9.16 19.37 -2.15
CA ILE A 173 -7.79 18.92 -2.30
C ILE A 173 -7.09 18.78 -0.96
N HIS A 174 -7.19 19.80 -0.11
CA HIS A 174 -6.41 19.82 1.14
C HIS A 174 -6.98 18.87 2.19
N LYS A 175 -8.29 18.73 2.21
CA LYS A 175 -8.98 17.81 3.10
C LYS A 175 -8.58 16.35 2.83
N THR A 176 -8.44 15.98 1.57
CA THR A 176 -8.14 14.60 1.23
C THR A 176 -6.63 14.37 1.17
N LYS A 177 -5.93 15.23 0.44
CA LYS A 177 -4.49 15.13 0.32
C LYS A 177 -3.74 15.28 1.64
N THR A 178 -4.17 16.22 2.49
CA THR A 178 -3.46 16.53 3.73
C THR A 178 -4.21 16.06 4.97
N GLY A 179 -5.52 16.33 5.03
CA GLY A 179 -6.29 16.09 6.24
C GLY A 179 -6.58 14.65 6.60
N ALA A 180 -6.59 13.75 5.63
CA ALA A 180 -7.04 12.39 5.92
C ALA A 180 -6.03 11.65 6.83
N LEU A 181 -4.74 11.87 6.60
CA LEU A 181 -3.70 11.35 7.50
C LEU A 181 -3.82 11.93 8.91
N LEU A 182 -4.05 13.25 8.99
CA LEU A 182 -4.23 13.90 10.27
C LEU A 182 -5.40 13.29 11.04
N THR A 183 -6.51 13.11 10.36
CA THR A 183 -7.68 12.49 10.96
C THR A 183 -7.41 11.03 11.31
N PHE A 184 -6.60 10.35 10.49
CA PHE A 184 -6.19 9.00 10.85
C PHE A 184 -5.43 9.02 12.19
N ALA A 185 -4.48 9.93 12.33
CA ALA A 185 -3.69 10.05 13.56
C ALA A 185 -4.55 10.12 14.80
N VAL A 186 -5.52 11.03 14.85
CA VAL A 186 -6.29 11.15 16.08
C VAL A 186 -7.33 10.05 16.26
N MET A 187 -7.92 9.57 15.15
CA MET A 187 -9.00 8.56 15.22
C MET A 187 -8.47 7.15 15.42
N SER A 188 -7.31 6.84 14.83
CA SER A 188 -6.64 5.58 15.15
C SER A 188 -6.37 5.53 16.66
N ALA A 189 -5.94 6.66 17.22
CA ALA A 189 -5.72 6.74 18.66
C ALA A 189 -7.03 6.54 19.42
N ALA A 190 -8.07 7.22 18.98
CA ALA A 190 -9.36 7.09 19.64
C ALA A 190 -9.79 5.64 19.66
N ASP A 191 -9.44 4.93 18.58
CA ASP A 191 -9.76 3.50 18.43
C ASP A 191 -8.93 2.58 19.34
N ILE A 192 -7.64 2.88 19.45
CA ILE A 192 -6.78 2.14 20.37
C ILE A 192 -7.25 2.39 21.81
N ALA A 193 -7.61 3.64 22.12
CA ALA A 193 -8.08 4.00 23.46
C ALA A 193 -9.46 3.45 23.77
N ASN A 194 -10.22 3.08 22.73
CA ASN A 194 -11.57 2.56 22.93
C ASN A 194 -12.50 3.57 23.62
N VAL A 195 -12.36 4.84 23.26
CA VAL A 195 -13.22 5.89 23.80
C VAL A 195 -14.64 5.84 23.22
N ASP A 196 -15.56 6.53 23.89
CA ASP A 196 -16.98 6.46 23.54
C ASP A 196 -17.31 7.26 22.26
N ASP A 197 -18.41 6.87 21.60
CA ASP A 197 -18.87 7.48 20.35
C ASP A 197 -18.87 9.00 20.33
N THR A 198 -19.41 9.61 21.38
CA THR A 198 -19.49 11.07 21.39
C THR A 198 -18.15 11.77 21.57
N THR A 199 -17.22 11.16 22.32
CA THR A 199 -15.81 11.65 22.34
C THR A 199 -15.15 11.51 20.96
N LYS A 200 -15.43 10.40 20.29
CA LYS A 200 -14.97 10.18 18.92
C LYS A 200 -15.43 11.28 17.96
N GLU A 201 -16.71 11.64 18.05
CA GLU A 201 -17.28 12.72 17.25
C GLU A 201 -16.52 14.02 17.40
N HIS A 202 -16.21 14.39 18.63
CA HIS A 202 -15.53 15.66 18.87
C HIS A 202 -14.09 15.60 18.40
N LEU A 203 -13.48 14.43 18.52
CA LEU A 203 -12.09 14.29 18.11
C LEU A 203 -11.98 14.38 16.60
N GLU A 204 -13.00 13.81 15.94
CA GLU A 204 -13.16 13.90 14.49
C GLU A 204 -13.20 15.34 13.97
N SER A 205 -14.22 16.12 14.37
CA SER A 205 -14.27 17.54 13.98
C SER A 205 -12.98 18.24 14.35
N TYR A 206 -12.49 17.97 15.56
CA TYR A 206 -11.24 18.59 15.95
C TYR A 206 -10.20 18.33 14.88
N SER A 207 -10.06 17.07 14.46
CA SER A 207 -9.00 16.70 13.52
C SER A 207 -9.19 17.33 12.15
N TYR A 208 -10.44 17.38 11.70
CA TYR A 208 -10.78 18.05 10.45
C TYR A 208 -10.35 19.52 10.45
N HIS A 209 -10.76 20.26 11.48
CA HIS A 209 -10.43 21.70 11.56
C HIS A 209 -8.94 21.91 11.72
N LEU A 210 -8.31 21.09 12.56
CA LEU A 210 -6.86 21.15 12.72
C LEU A 210 -6.16 20.98 11.36
N GLY A 211 -6.69 20.06 10.55
CA GLY A 211 -6.14 19.80 9.24
C GLY A 211 -6.24 20.96 8.27
N MET A 212 -7.40 21.61 8.25
CA MET A 212 -7.59 22.79 7.40
C MET A 212 -6.69 23.96 7.82
N MET A 213 -6.44 24.11 9.12
CA MET A 213 -5.49 25.13 9.62
C MET A 213 -4.16 25.05 8.89
N PHE A 214 -3.66 23.82 8.75
CA PHE A 214 -2.32 23.51 8.26
C PHE A 214 -1.93 24.30 6.99
N GLN A 215 -2.75 24.20 5.95
CA GLN A 215 -2.39 24.73 4.65
C GLN A 215 -2.66 26.23 4.55
N ILE A 216 -3.69 26.69 5.27
CA ILE A 216 -3.98 28.11 5.35
C ILE A 216 -2.79 28.85 5.92
N LYS A 217 -2.29 28.39 7.08
CA LYS A 217 -1.13 29.02 7.73
C LYS A 217 0.01 29.18 6.73
N ASP A 218 0.30 28.09 6.02
CA ASP A 218 1.37 28.03 5.04
C ASP A 218 1.22 29.00 3.87
N ASP A 219 0.00 29.11 3.35
CA ASP A 219 -0.30 30.10 2.31
C ASP A 219 -0.05 31.52 2.83
N LEU A 220 -0.53 31.81 4.03
CA LEU A 220 -0.30 33.10 4.67
C LEU A 220 1.19 33.40 4.84
N LEU A 221 1.95 32.46 5.41
CA LEU A 221 3.40 32.64 5.57
C LEU A 221 4.14 32.89 4.25
N ASP A 222 3.69 32.27 3.16
CA ASP A 222 4.28 32.53 1.83
C ASP A 222 3.99 33.97 1.37
N CYS A 223 2.82 34.48 1.75
CA CYS A 223 2.43 35.84 1.43
C CYS A 223 3.09 36.85 2.37
N TYR A 224 3.07 36.59 3.67
CA TYR A 224 3.78 37.43 4.64
C TYR A 224 5.23 37.58 4.18
N GLY A 225 5.82 36.45 3.76
CA GLY A 225 7.17 36.42 3.26
C GLY A 225 7.41 37.37 2.10
N ASP A 226 6.48 37.40 1.15
CA ASP A 226 6.62 38.23 -0.04
C ASP A 226 6.52 39.73 0.26
N GLU A 227 5.68 40.07 1.23
CA GLU A 227 5.50 41.43 1.69
C GLU A 227 6.83 42.02 2.20
N ALA A 228 7.52 41.26 3.04
CA ALA A 228 8.90 41.59 3.40
C ALA A 228 9.79 41.57 2.14
N LYS A 229 10.72 42.52 2.05
CA LYS A 229 11.59 42.68 0.87
C LYS A 229 11.50 41.53 -0.16
N SER A 243 -2.70 28.60 -7.36
CA SER A 243 -4.01 28.93 -6.83
C SER A 243 -4.14 28.54 -5.35
N THR A 244 -4.35 29.52 -4.47
CA THR A 244 -4.16 29.34 -3.02
C THR A 244 -5.24 30.03 -2.19
N TYR A 245 -5.09 29.95 -0.88
CA TYR A 245 -6.03 30.60 0.04
C TYR A 245 -6.01 32.12 -0.06
N VAL A 246 -4.83 32.71 -0.17
CA VAL A 246 -4.73 34.17 -0.26
C VAL A 246 -5.09 34.69 -1.66
N SER A 247 -4.84 33.88 -2.69
CA SER A 247 -5.16 34.29 -4.07
C SER A 247 -6.65 34.21 -4.36
N LEU A 248 -7.40 33.47 -3.55
CA LEU A 248 -8.83 33.40 -3.72
C LEU A 248 -9.57 34.34 -2.77
N LEU A 249 -9.05 34.51 -1.56
CA LEU A 249 -9.76 35.17 -0.49
C LEU A 249 -9.12 36.51 -0.15
N GLY A 250 -7.92 36.70 -0.69
CA GLY A 250 -7.05 37.77 -0.27
C GLY A 250 -6.50 37.43 1.11
N LYS A 251 -5.53 38.23 1.53
CA LYS A 251 -4.85 38.04 2.80
C LYS A 251 -5.78 37.99 4.01
N ASP A 252 -6.72 38.93 4.11
CA ASP A 252 -7.59 39.00 5.29
C ASP A 252 -8.63 37.90 5.31
N GLY A 253 -9.07 37.49 4.13
CA GLY A 253 -9.99 36.38 4.00
C GLY A 253 -9.37 35.09 4.51
N ALA A 254 -8.11 34.85 4.12
CA ALA A 254 -7.33 33.70 4.59
C ALA A 254 -7.14 33.69 6.11
N GLU A 255 -6.68 34.81 6.67
CA GLU A 255 -6.58 34.95 8.12
C GLU A 255 -7.91 34.67 8.82
N ASP A 256 -9.01 35.13 8.24
CA ASP A 256 -10.34 34.90 8.79
C ASP A 256 -10.64 33.41 8.80
N LYS A 257 -10.27 32.74 7.70
CA LYS A 257 -10.48 31.31 7.50
C LYS A 257 -9.69 30.52 8.55
N LEU A 258 -8.41 30.85 8.67
CA LEU A 258 -7.54 30.29 9.69
C LEU A 258 -8.18 30.38 11.05
N THR A 259 -8.55 31.59 11.45
CA THR A 259 -9.12 31.84 12.78
C THR A 259 -10.38 31.04 12.99
N TYR A 260 -11.22 30.93 11.96
CA TYR A 260 -12.44 30.14 12.05
C TYR A 260 -12.15 28.65 12.37
N HIS A 261 -11.16 28.08 11.70
CA HIS A 261 -10.76 26.69 11.96
C HIS A 261 -10.11 26.53 13.35
N ARG A 262 -9.22 27.46 13.68
CA ARG A 262 -8.64 27.59 15.02
C ARG A 262 -9.75 27.56 16.05
N ASP A 263 -10.76 28.39 15.86
CA ASP A 263 -11.83 28.52 16.84
C ASP A 263 -12.68 27.27 16.94
N ALA A 264 -12.94 26.63 15.79
CA ALA A 264 -13.76 25.42 15.75
C ALA A 264 -13.02 24.22 16.35
N ALA A 265 -11.70 24.18 16.15
CA ALA A 265 -10.83 23.20 16.77
C ALA A 265 -10.89 23.33 18.29
N VAL A 266 -10.47 24.51 18.78
CA VAL A 266 -10.49 24.88 20.20
C VAL A 266 -11.88 24.65 20.82
N ASP A 267 -12.92 25.01 20.08
CA ASP A 267 -14.28 24.77 20.51
C ASP A 267 -14.46 23.30 20.80
N GLU A 268 -14.10 22.47 19.83
CA GLU A 268 -14.33 21.01 19.88
C GLU A 268 -13.66 20.31 21.08
N LEU A 269 -12.45 20.73 21.38
CA LEU A 269 -11.75 20.28 22.57
C LEU A 269 -12.52 20.56 23.86
N THR A 270 -13.08 21.78 24.01
CA THR A 270 -13.85 22.12 25.21
C THR A 270 -15.12 21.28 25.39
N GLN A 271 -15.51 20.55 24.35
CA GLN A 271 -16.67 19.68 24.47
C GLN A 271 -16.31 18.24 24.84
N ILE A 272 -15.01 17.94 24.90
CA ILE A 272 -14.56 16.60 25.30
C ILE A 272 -14.73 16.47 26.81
N ASP A 273 -15.32 15.35 27.24
CA ASP A 273 -15.63 15.15 28.66
C ASP A 273 -14.38 15.23 29.57
N GLU A 274 -14.60 15.74 30.79
CA GLU A 274 -13.52 16.30 31.61
C GLU A 274 -12.45 15.33 32.13
N GLN A 275 -12.75 14.02 32.06
CA GLN A 275 -11.79 12.99 32.42
C GLN A 275 -10.59 12.91 31.47
N PHE A 276 -10.72 13.51 30.29
CA PHE A 276 -9.61 13.64 29.35
C PHE A 276 -9.04 15.05 29.40
N ASN A 277 -7.73 15.14 29.59
CA ASN A 277 -6.99 16.39 29.60
C ASN A 277 -6.41 16.72 28.21
N THR A 278 -6.89 17.80 27.62
CA THR A 278 -6.59 18.11 26.22
C THR A 278 -5.47 19.11 26.03
N LYS A 279 -4.76 19.46 27.10
CA LYS A 279 -3.70 20.47 27.01
C LYS A 279 -2.78 20.22 25.81
N HIS A 280 -2.52 18.95 25.49
CA HIS A 280 -1.63 18.59 24.37
C HIS A 280 -2.22 18.91 22.99
N LEU A 281 -3.46 18.48 22.80
CA LEU A 281 -4.20 18.75 21.58
C LEU A 281 -4.30 20.27 21.37
N LEU A 282 -4.75 20.97 22.41
CA LEU A 282 -4.85 22.42 22.42
C LEU A 282 -3.52 23.07 22.10
N GLU A 283 -2.43 22.48 22.59
CA GLU A 283 -1.09 22.98 22.29
C GLU A 283 -0.73 22.84 20.82
N ILE A 284 -1.17 21.75 20.18
CA ILE A 284 -0.93 21.53 18.76
C ILE A 284 -1.70 22.53 17.90
N VAL A 285 -2.95 22.80 18.28
CA VAL A 285 -3.76 23.85 17.65
C VAL A 285 -2.99 25.17 17.60
N ASP A 286 -2.37 25.53 18.73
CA ASP A 286 -1.65 26.79 18.81
C ASP A 286 -0.36 26.82 17.99
N LEU A 287 0.26 25.65 17.82
CA LEU A 287 1.45 25.53 16.96
C LEU A 287 1.08 25.70 15.49
N PHE A 288 -0.06 25.13 15.10
CA PHE A 288 -0.61 25.27 13.75
C PHE A 288 -1.05 26.73 13.52
N TYR A 289 -1.52 27.38 14.59
CA TYR A 289 -2.00 28.76 14.50
C TYR A 289 -0.89 29.81 14.47
N SER A 290 0.12 29.64 15.34
CA SER A 290 1.21 30.59 15.44
C SER A 290 1.78 30.88 14.06
N ARG A 291 1.58 32.13 13.62
CA ARG A 291 2.00 32.61 12.29
C ARG A 291 1.16 32.02 11.16
N THR B 2 -15.77 -29.74 -5.03
CA THR B 2 -16.83 -29.12 -5.87
C THR B 2 -16.43 -28.98 -7.33
N ASN B 3 -17.43 -29.01 -8.21
CA ASN B 3 -17.24 -28.79 -9.65
C ASN B 3 -17.14 -27.29 -9.96
N LEU B 4 -15.91 -26.81 -10.18
CA LEU B 4 -15.68 -25.39 -10.46
C LEU B 4 -14.86 -25.18 -11.74
N PRO B 5 -15.52 -25.14 -12.88
CA PRO B 5 -14.83 -24.97 -14.16
C PRO B 5 -13.98 -23.69 -14.19
N MET B 6 -12.78 -23.81 -14.73
CA MET B 6 -11.83 -22.69 -14.86
C MET B 6 -12.46 -21.44 -15.48
N ASN B 7 -13.10 -21.60 -16.63
CA ASN B 7 -13.72 -20.49 -17.36
C ASN B 7 -14.80 -19.76 -16.56
N LYS B 8 -15.49 -20.48 -15.67
CA LYS B 8 -16.58 -19.93 -14.88
C LYS B 8 -16.06 -19.06 -13.74
N LEU B 9 -15.00 -19.54 -13.09
CA LEU B 9 -14.33 -18.82 -12.01
C LEU B 9 -13.70 -17.54 -12.53
N ILE B 10 -12.94 -17.65 -13.63
CA ILE B 10 -12.39 -16.47 -14.32
C ILE B 10 -13.48 -15.44 -14.66
N ASP B 11 -14.64 -15.93 -15.10
CA ASP B 11 -15.76 -15.08 -15.47
C ASP B 11 -16.30 -14.32 -14.26
N GLU B 12 -16.47 -15.05 -13.16
CA GLU B 12 -16.91 -14.45 -11.91
C GLU B 12 -15.88 -13.41 -11.40
N VAL B 13 -14.60 -13.77 -11.45
CA VAL B 13 -13.50 -12.92 -11.00
C VAL B 13 -13.49 -11.63 -11.82
N ASN B 14 -13.64 -11.75 -13.14
CA ASN B 14 -13.75 -10.58 -14.03
C ASN B 14 -14.96 -9.68 -13.76
N ASN B 15 -16.06 -10.26 -13.28
CA ASN B 15 -17.26 -9.48 -12.96
C ASN B 15 -17.11 -8.72 -11.65
N GLU B 16 -16.50 -9.37 -10.67
CA GLU B 16 -16.22 -8.75 -9.38
C GLU B 16 -15.26 -7.58 -9.54
N LEU B 17 -14.30 -7.72 -10.45
CA LEU B 17 -13.27 -6.72 -10.67
C LEU B 17 -13.83 -5.50 -11.39
N SER B 18 -14.78 -5.72 -12.29
CA SER B 18 -15.37 -4.65 -13.07
C SER B 18 -16.22 -3.72 -12.22
N VAL B 19 -16.67 -4.21 -11.05
CA VAL B 19 -17.42 -3.37 -10.10
C VAL B 19 -16.69 -3.19 -8.75
N ALA B 20 -15.38 -3.38 -8.76
CA ALA B 20 -14.61 -3.39 -7.52
C ALA B 20 -14.28 -1.99 -7.02
N ILE B 21 -14.26 -1.02 -7.95
CA ILE B 21 -14.00 0.37 -7.62
C ILE B 21 -15.16 1.23 -8.12
N ASN B 22 -15.77 2.02 -7.22
CA ASN B 22 -16.88 2.91 -7.58
C ASN B 22 -16.39 4.31 -7.98
N LYS B 23 -17.15 4.99 -8.85
CA LYS B 23 -16.87 6.40 -9.17
C LYS B 23 -16.89 7.23 -7.89
N SER B 24 -16.03 8.23 -7.84
CA SER B 24 -15.83 9.01 -6.62
C SER B 24 -16.26 10.46 -6.82
N VAL B 25 -16.59 11.13 -5.70
CA VAL B 25 -17.03 12.53 -5.71
C VAL B 25 -16.00 13.52 -6.26
N MET B 26 -14.73 13.12 -6.37
CA MET B 26 -13.66 14.08 -6.67
C MET B 26 -13.51 14.37 -8.17
N ASP B 27 -14.18 13.57 -9.00
CA ASP B 27 -14.27 13.81 -10.44
C ASP B 27 -12.90 13.89 -11.14
N THR B 28 -12.17 12.79 -11.08
CA THR B 28 -10.88 12.69 -11.76
C THR B 28 -10.86 11.41 -12.58
N GLN B 29 -9.70 11.11 -13.16
CA GLN B 29 -9.56 9.90 -13.95
C GLN B 29 -8.98 8.72 -13.17
N LEU B 30 -8.81 8.88 -11.85
CA LEU B 30 -8.20 7.86 -11.00
C LEU B 30 -8.91 6.53 -11.10
N GLU B 31 -10.22 6.56 -10.89
CA GLU B 31 -11.01 5.34 -10.82
C GLU B 31 -11.06 4.70 -12.20
N GLU B 32 -11.08 5.55 -13.23
CA GLU B 32 -11.08 5.07 -14.61
C GLU B 32 -9.77 4.38 -14.96
N SER B 33 -8.66 5.00 -14.60
CA SER B 33 -7.36 4.42 -14.84
C SER B 33 -7.19 3.12 -14.05
N MET B 34 -7.62 3.12 -12.78
CA MET B 34 -7.57 1.92 -11.96
C MET B 34 -8.31 0.78 -12.66
N LEU B 35 -9.53 1.06 -13.11
CA LEU B 35 -10.39 0.03 -13.71
C LEU B 35 -9.92 -0.38 -15.11
N TYR B 36 -9.37 0.57 -15.85
CA TYR B 36 -8.81 0.26 -17.16
C TYR B 36 -7.81 -0.90 -17.05
N SER B 37 -6.80 -0.75 -16.20
CA SER B 37 -5.80 -1.79 -15.98
C SER B 37 -6.37 -3.06 -15.36
N LEU B 38 -7.32 -2.90 -14.44
CA LEU B 38 -7.94 -4.02 -13.74
C LEU B 38 -8.79 -4.91 -14.65
N ASN B 39 -9.33 -4.31 -15.71
CA ASN B 39 -10.13 -5.03 -16.70
C ASN B 39 -9.33 -5.50 -17.90
N ALA B 40 -8.04 -5.22 -17.93
CA ALA B 40 -7.19 -5.62 -19.05
C ALA B 40 -7.29 -7.11 -19.31
N GLY B 41 -7.67 -7.85 -18.27
CA GLY B 41 -7.94 -9.28 -18.37
C GLY B 41 -6.69 -10.10 -18.63
N GLY B 42 -6.80 -11.40 -18.39
CA GLY B 42 -5.71 -12.31 -18.62
C GLY B 42 -6.10 -13.66 -18.08
N LYS B 43 -5.12 -14.42 -17.62
CA LYS B 43 -5.35 -15.78 -17.13
C LYS B 43 -5.98 -15.78 -15.74
N ARG B 44 -5.78 -14.68 -14.99
CA ARG B 44 -6.27 -14.52 -13.61
C ARG B 44 -5.90 -15.71 -12.72
N ILE B 45 -4.69 -16.21 -12.92
CA ILE B 45 -4.25 -17.43 -12.27
C ILE B 45 -4.07 -17.29 -10.76
N ARG B 46 -3.71 -16.08 -10.31
CA ARG B 46 -3.49 -15.85 -8.88
C ARG B 46 -4.78 -15.94 -8.04
N PRO B 47 -5.81 -15.15 -8.37
CA PRO B 47 -7.10 -15.29 -7.68
C PRO B 47 -7.70 -16.68 -7.85
N VAL B 48 -7.63 -17.22 -9.08
CA VAL B 48 -8.13 -18.57 -9.38
C VAL B 48 -7.42 -19.61 -8.50
N LEU B 49 -6.10 -19.54 -8.46
CA LEU B 49 -5.31 -20.40 -7.57
C LEU B 49 -5.86 -20.32 -6.16
N LEU B 50 -6.06 -19.11 -5.64
CA LEU B 50 -6.60 -18.95 -4.29
C LEU B 50 -7.95 -19.67 -4.07
N LEU B 51 -8.89 -19.46 -4.99
CA LEU B 51 -10.23 -20.01 -4.84
C LEU B 51 -10.18 -21.54 -4.97
N LEU B 52 -9.55 -22.02 -6.03
CA LEU B 52 -9.40 -23.45 -6.25
C LEU B 52 -8.83 -24.19 -5.05
N THR B 53 -7.79 -23.65 -4.41
CA THR B 53 -7.24 -24.37 -3.27
C THR B 53 -8.12 -24.32 -2.02
N LEU B 54 -8.88 -23.24 -1.86
CA LEU B 54 -9.88 -23.17 -0.79
C LEU B 54 -10.88 -24.31 -0.97
N ASP B 55 -11.33 -24.49 -2.20
CA ASP B 55 -12.22 -25.58 -2.54
C ASP B 55 -11.58 -26.96 -2.35
N SER B 56 -10.35 -27.14 -2.82
CA SER B 56 -9.58 -28.35 -2.53
C SER B 56 -9.52 -28.66 -1.05
N LEU B 57 -9.67 -27.63 -0.22
CA LEU B 57 -9.51 -27.77 1.22
C LEU B 57 -10.86 -27.83 1.94
N ASN B 58 -11.90 -28.19 1.18
CA ASN B 58 -13.26 -28.39 1.69
C ASN B 58 -13.84 -27.14 2.33
N THR B 59 -13.60 -25.99 1.71
CA THR B 59 -14.05 -24.72 2.24
C THR B 59 -14.77 -23.96 1.15
N GLU B 60 -15.85 -23.27 1.53
CA GLU B 60 -16.60 -22.38 0.64
C GLU B 60 -15.61 -21.42 -0.02
N TYR B 61 -15.45 -21.52 -1.35
CA TYR B 61 -14.48 -20.71 -2.06
C TYR B 61 -14.80 -19.22 -2.00
N GLU B 62 -16.07 -18.89 -1.81
CA GLU B 62 -16.50 -17.49 -1.77
C GLU B 62 -15.95 -16.73 -0.56
N LEU B 63 -15.49 -17.48 0.46
CA LEU B 63 -14.83 -16.90 1.62
C LEU B 63 -13.49 -16.22 1.28
N GLY B 64 -12.93 -16.57 0.11
CA GLY B 64 -11.66 -16.03 -0.26
C GLY B 64 -11.77 -15.06 -1.39
N MET B 65 -13.00 -14.73 -1.78
CA MET B 65 -13.23 -13.87 -2.94
C MET B 65 -12.63 -12.48 -2.79
N LYS B 66 -12.78 -11.87 -1.61
CA LYS B 66 -12.20 -10.54 -1.38
C LYS B 66 -10.67 -10.63 -1.43
N SER B 67 -10.12 -11.64 -0.75
CA SER B 67 -8.69 -11.88 -0.75
C SER B 67 -8.17 -12.07 -2.18
N ALA B 68 -8.90 -12.85 -2.97
CA ALA B 68 -8.55 -13.09 -4.36
C ALA B 68 -8.52 -11.79 -5.19
N ILE B 69 -9.53 -10.96 -4.99
CA ILE B 69 -9.64 -9.67 -5.70
C ILE B 69 -8.51 -8.72 -5.26
N ALA B 70 -8.26 -8.67 -3.96
CA ALA B 70 -7.11 -7.98 -3.42
C ALA B 70 -5.82 -8.44 -4.10
N LEU B 71 -5.66 -9.76 -4.23
CA LEU B 71 -4.50 -10.34 -4.87
C LEU B 71 -4.35 -9.85 -6.31
N GLU B 72 -5.45 -9.84 -7.07
CA GLU B 72 -5.39 -9.39 -8.47
C GLU B 72 -5.11 -7.88 -8.57
N MET B 73 -5.63 -7.10 -7.62
CA MET B 73 -5.29 -5.67 -7.50
C MET B 73 -3.79 -5.45 -7.23
N ILE B 74 -3.19 -6.28 -6.38
CA ILE B 74 -1.75 -6.18 -6.14
C ILE B 74 -1.00 -6.48 -7.44
N HIS B 75 -1.48 -7.51 -8.14
CA HIS B 75 -0.82 -7.94 -9.37
C HIS B 75 -0.87 -6.86 -10.43
N THR B 76 -2.04 -6.25 -10.62
CA THR B 76 -2.17 -5.22 -11.64
C THR B 76 -1.48 -3.89 -11.33
N TYR B 77 -1.42 -3.50 -10.07
CA TYR B 77 -0.65 -2.30 -9.71
C TYR B 77 0.83 -2.42 -10.07
N SER B 78 1.42 -3.59 -9.85
CA SER B 78 2.83 -3.78 -10.20
C SER B 78 3.03 -3.77 -11.72
N LEU B 79 2.05 -4.30 -12.45
CA LEU B 79 2.05 -4.20 -13.90
C LEU B 79 1.99 -2.74 -14.34
N ILE B 80 1.17 -1.91 -13.66
CA ILE B 80 1.08 -0.50 -13.99
C ILE B 80 2.43 0.17 -13.77
N HIS B 81 3.02 -0.11 -12.61
CA HIS B 81 4.31 0.49 -12.30
C HIS B 81 5.41 -0.07 -13.18
N ASP B 82 5.36 -1.38 -13.47
CA ASP B 82 6.40 -2.01 -14.27
C ASP B 82 6.55 -1.36 -15.64
N ASP B 83 5.42 -1.10 -16.30
CA ASP B 83 5.41 -0.59 -17.67
C ASP B 83 5.92 0.84 -17.83
N LEU B 84 6.06 1.57 -16.72
CA LEU B 84 6.50 2.97 -16.76
C LEU B 84 7.87 3.15 -17.46
N PRO B 85 8.01 4.24 -18.22
CA PRO B 85 9.27 4.57 -18.92
C PRO B 85 10.53 4.44 -18.08
N ALA B 86 10.46 4.76 -16.80
CA ALA B 86 11.62 4.64 -15.91
C ALA B 86 11.92 3.17 -15.54
N MET B 87 10.99 2.26 -15.87
CA MET B 87 11.20 0.84 -15.62
C MET B 87 11.27 0.04 -16.94
N ASP B 88 10.32 -0.83 -17.22
CA ASP B 88 10.37 -1.68 -18.42
C ASP B 88 10.08 -0.92 -19.70
N ASN B 89 9.45 0.25 -19.56
CA ASN B 89 9.07 1.11 -20.68
C ASN B 89 8.23 0.43 -21.75
N ASP B 90 7.14 -0.21 -21.34
CA ASP B 90 6.23 -0.86 -22.30
C ASP B 90 5.10 0.07 -22.73
N ASP B 91 4.91 0.19 -24.03
CA ASP B 91 3.79 0.94 -24.59
C ASP B 91 2.59 0.03 -24.81
N TYR B 92 2.84 -1.28 -24.80
CA TYR B 92 1.81 -2.26 -25.12
C TYR B 92 1.82 -3.46 -24.17
N ARG B 93 0.63 -3.95 -23.85
CA ARG B 93 0.46 -5.13 -23.03
C ARG B 93 -0.76 -5.90 -23.55
N ARG B 94 -0.53 -7.15 -23.96
CA ARG B 94 -1.48 -7.99 -24.70
C ARG B 94 -2.43 -7.26 -25.67
N GLY B 95 -1.86 -6.46 -26.57
CA GLY B 95 -2.62 -5.82 -27.62
C GLY B 95 -3.09 -4.41 -27.30
N LYS B 96 -3.43 -4.14 -26.04
CA LYS B 96 -3.91 -2.83 -25.60
C LYS B 96 -2.76 -1.92 -25.13
N LEU B 97 -2.95 -0.61 -25.29
CA LEU B 97 -2.03 0.39 -24.76
C LEU B 97 -1.91 0.28 -23.24
N THR B 98 -0.73 0.57 -22.70
CA THR B 98 -0.49 0.54 -21.27
C THR B 98 -1.08 1.78 -20.59
N ASN B 99 -1.41 1.63 -19.31
CA ASN B 99 -2.02 2.69 -18.51
C ASN B 99 -1.47 4.10 -18.75
N HIS B 100 -0.16 4.27 -18.57
CA HIS B 100 0.51 5.55 -18.73
C HIS B 100 0.48 6.13 -20.14
N LYS B 101 0.20 5.29 -21.14
CA LYS B 101 0.13 5.77 -22.52
C LYS B 101 -1.28 6.27 -22.83
N VAL B 102 -2.25 5.85 -22.02
CA VAL B 102 -3.62 6.34 -22.14
C VAL B 102 -3.86 7.54 -21.23
N TYR B 103 -3.33 7.49 -20.00
CA TYR B 103 -3.69 8.50 -18.99
C TYR B 103 -2.53 9.36 -18.55
N GLY B 104 -1.34 9.07 -19.06
CA GLY B 104 -0.17 9.81 -18.64
C GLY B 104 0.54 9.12 -17.48
N GLU B 105 1.82 9.43 -17.34
CA GLU B 105 2.64 8.85 -16.28
C GLU B 105 2.14 9.11 -14.85
N TRP B 106 1.80 10.35 -14.51
CA TRP B 106 1.43 10.68 -13.12
C TRP B 106 0.14 9.99 -12.66
N THR B 107 -0.84 9.94 -13.55
CA THR B 107 -2.07 9.23 -13.27
C THR B 107 -1.82 7.75 -13.05
N ALA B 108 -1.03 7.15 -13.94
CA ALA B 108 -0.70 5.74 -13.85
C ALA B 108 0.00 5.42 -12.53
N ILE B 109 0.98 6.23 -12.14
CA ILE B 109 1.61 6.04 -10.83
C ILE B 109 0.56 6.02 -9.71
N LEU B 110 -0.35 7.00 -9.74
CA LEU B 110 -1.36 7.11 -8.69
C LEU B 110 -2.37 5.97 -8.73
N ALA B 111 -2.72 5.50 -9.94
CA ALA B 111 -3.64 4.36 -10.04
C ALA B 111 -3.05 3.14 -9.37
N GLY B 112 -1.75 2.93 -9.56
CA GLY B 112 -1.00 1.88 -8.89
C GLY B 112 -0.98 1.98 -7.37
N ASP B 113 -0.59 3.15 -6.86
CA ASP B 113 -0.61 3.39 -5.42
C ASP B 113 -2.01 3.11 -4.83
N ALA B 114 -3.03 3.59 -5.55
CA ALA B 114 -4.41 3.45 -5.08
C ALA B 114 -4.81 1.99 -5.03
N LEU B 115 -4.47 1.25 -6.08
CA LEU B 115 -4.77 -0.20 -6.13
C LEU B 115 -4.07 -0.99 -5.04
N LEU B 116 -2.77 -0.71 -4.83
CA LEU B 116 -2.05 -1.27 -3.70
C LEU B 116 -2.86 -1.07 -2.42
N THR B 117 -3.26 0.19 -2.18
CA THR B 117 -3.96 0.56 -0.96
C THR B 117 -5.33 -0.10 -0.82
N LYS B 118 -6.08 -0.12 -1.92
CA LYS B 118 -7.41 -0.70 -1.93
C LYS B 118 -7.40 -2.20 -1.59
N ALA B 119 -6.34 -2.91 -2.01
CA ALA B 119 -6.22 -4.35 -1.71
C ALA B 119 -6.26 -4.58 -0.22
N PHE B 120 -5.55 -3.74 0.53
CA PHE B 120 -5.53 -3.86 1.98
C PHE B 120 -6.85 -3.40 2.61
N GLU B 121 -7.51 -2.44 1.98
CA GLU B 121 -8.87 -2.06 2.38
C GLU B 121 -9.83 -3.23 2.21
N LEU B 122 -9.76 -3.86 1.06
CA LEU B 122 -10.64 -4.97 0.73
C LEU B 122 -10.56 -6.10 1.75
N ILE B 123 -9.36 -6.53 2.12
CA ILE B 123 -9.20 -7.62 3.08
C ILE B 123 -9.58 -7.18 4.50
N SER B 124 -9.23 -5.94 4.83
CA SER B 124 -9.65 -5.29 6.09
C SER B 124 -11.16 -5.30 6.31
N SER B 125 -11.92 -5.19 5.22
CA SER B 125 -13.36 -4.96 5.29
C SER B 125 -14.20 -6.23 5.16
N ASP B 126 -13.53 -7.37 4.95
CA ASP B 126 -14.20 -8.64 4.67
C ASP B 126 -14.86 -9.26 5.90
N ASP B 127 -16.20 -9.21 5.95
CA ASP B 127 -16.91 -9.70 7.14
C ASP B 127 -17.20 -11.19 7.13
N ARG B 128 -16.87 -11.86 6.02
CA ARG B 128 -16.96 -13.32 5.94
C ARG B 128 -15.82 -13.99 6.73
N LEU B 129 -14.81 -13.22 7.12
CA LEU B 129 -13.65 -13.74 7.86
C LEU B 129 -13.55 -13.14 9.25
N THR B 130 -13.12 -13.93 10.22
CA THR B 130 -12.88 -13.38 11.55
C THR B 130 -11.73 -12.37 11.49
N ASP B 131 -11.63 -11.53 12.51
CA ASP B 131 -10.55 -10.57 12.56
C ASP B 131 -9.20 -11.27 12.61
N GLU B 132 -9.15 -12.43 13.27
CA GLU B 132 -7.90 -13.18 13.42
C GLU B 132 -7.34 -13.68 12.08
N VAL B 133 -8.22 -14.16 11.18
CA VAL B 133 -7.72 -14.60 9.88
C VAL B 133 -7.41 -13.44 8.94
N LYS B 134 -8.19 -12.36 9.02
CA LYS B 134 -7.90 -11.16 8.22
C LYS B 134 -6.47 -10.73 8.49
N ILE B 135 -6.09 -10.70 9.77
CA ILE B 135 -4.74 -10.29 10.14
C ILE B 135 -3.69 -11.24 9.57
N LYS B 136 -3.98 -12.54 9.60
CA LYS B 136 -3.10 -13.57 9.03
C LYS B 136 -2.90 -13.40 7.54
N VAL B 137 -4.00 -13.18 6.82
CA VAL B 137 -3.98 -12.96 5.38
C VAL B 137 -3.27 -11.65 5.04
N LEU B 138 -3.64 -10.60 5.76
CA LEU B 138 -3.11 -9.24 5.60
C LEU B 138 -1.60 -9.21 5.86
N GLN B 139 -1.18 -9.86 6.94
CA GLN B 139 0.24 -9.90 7.28
C GLN B 139 1.02 -10.62 6.18
N ARG B 140 0.46 -11.72 5.70
CA ARG B 140 1.07 -12.48 4.62
C ARG B 140 1.12 -11.70 3.31
N LEU B 141 0.04 -10.98 2.98
CA LEU B 141 0.04 -10.21 1.75
C LEU B 141 1.13 -9.14 1.72
N SER B 142 1.36 -8.48 2.86
CA SER B 142 2.31 -7.37 2.91
C SER B 142 3.76 -7.85 2.87
N ILE B 143 4.04 -8.99 3.52
CA ILE B 143 5.35 -9.62 3.42
C ILE B 143 5.62 -10.13 1.99
N ALA B 144 4.63 -10.77 1.37
CA ALA B 144 4.80 -11.26 0.00
C ALA B 144 4.94 -10.15 -1.05
N SER B 145 4.41 -8.96 -0.76
CA SER B 145 4.37 -7.88 -1.74
C SER B 145 5.47 -6.85 -1.54
N GLY B 146 6.08 -6.83 -0.37
CA GLY B 146 7.01 -5.77 0.00
C GLY B 146 8.46 -5.95 -0.39
N HIS B 147 9.36 -5.43 0.45
CA HIS B 147 10.76 -5.32 0.07
C HIS B 147 11.51 -6.66 0.07
N VAL B 148 10.99 -7.66 0.76
CA VAL B 148 11.57 -9.00 0.73
C VAL B 148 10.76 -9.95 -0.16
N GLY B 149 9.83 -9.38 -0.94
CA GLY B 149 8.91 -10.13 -1.78
C GLY B 149 8.83 -9.49 -3.15
N MET B 150 7.62 -9.18 -3.58
CA MET B 150 7.42 -8.69 -4.94
C MET B 150 8.33 -7.51 -5.29
N VAL B 151 8.31 -6.44 -4.49
CA VAL B 151 9.07 -5.26 -4.93
C VAL B 151 10.58 -5.44 -4.84
N GLY B 152 11.06 -6.14 -3.81
CA GLY B 152 12.46 -6.49 -3.73
C GLY B 152 12.91 -7.32 -4.93
N GLY B 153 12.04 -8.22 -5.36
CA GLY B 153 12.28 -8.99 -6.55
C GLY B 153 12.42 -8.13 -7.79
N GLN B 154 11.61 -7.08 -7.88
CA GLN B 154 11.70 -6.11 -8.97
C GLN B 154 13.00 -5.30 -8.91
N MET B 155 13.41 -4.90 -7.70
CA MET B 155 14.70 -4.23 -7.49
C MET B 155 15.79 -5.07 -8.15
N LEU B 156 15.90 -6.33 -7.71
CA LEU B 156 16.90 -7.27 -8.22
C LEU B 156 16.84 -7.37 -9.72
N ASP B 157 15.64 -7.54 -10.25
CA ASP B 157 15.48 -7.63 -11.69
C ASP B 157 16.01 -6.39 -12.43
N MET B 158 15.57 -5.20 -12.00
CA MET B 158 16.00 -3.93 -12.61
C MET B 158 17.51 -3.73 -12.49
N GLN B 159 18.05 -4.06 -11.32
CA GLN B 159 19.50 -3.95 -11.06
C GLN B 159 20.32 -4.85 -11.98
N SER B 160 19.67 -5.88 -12.52
CA SER B 160 20.33 -6.93 -13.30
C SER B 160 20.05 -6.81 -14.79
N GLU B 161 19.32 -5.76 -15.16
CA GLU B 161 18.89 -5.53 -16.54
C GLU B 161 20.10 -5.46 -17.47
N GLY B 162 19.99 -6.17 -18.60
CA GLY B 162 21.03 -6.19 -19.62
C GLY B 162 22.40 -6.59 -19.10
N GLN B 163 22.47 -7.77 -18.48
CA GLN B 163 23.76 -8.38 -18.13
C GLN B 163 23.62 -9.84 -17.69
N PRO B 164 24.61 -10.67 -18.07
CA PRO B 164 24.63 -12.08 -17.69
C PRO B 164 24.55 -12.27 -16.17
N ILE B 165 23.42 -12.80 -15.74
CA ILE B 165 23.21 -13.09 -14.34
C ILE B 165 23.26 -14.61 -14.17
N ASP B 166 23.81 -15.09 -13.06
CA ASP B 166 23.91 -16.53 -12.83
C ASP B 166 22.55 -17.15 -12.49
N LEU B 167 22.52 -18.48 -12.40
CA LEU B 167 21.27 -19.22 -12.22
C LEU B 167 20.62 -18.99 -10.87
N GLU B 168 21.42 -18.88 -9.81
CA GLU B 168 20.79 -18.74 -8.49
C GLU B 168 20.24 -17.33 -8.25
N THR B 169 20.83 -16.34 -8.91
CA THR B 169 20.27 -14.99 -8.95
C THR B 169 18.95 -14.95 -9.72
N LEU B 170 18.90 -15.60 -10.88
CA LEU B 170 17.71 -15.62 -11.69
C LEU B 170 16.56 -16.25 -10.92
N GLU B 171 16.88 -17.24 -10.10
CA GLU B 171 15.86 -17.95 -9.36
C GLU B 171 15.40 -17.13 -8.16
N MET B 172 16.33 -16.39 -7.57
CA MET B 172 16.00 -15.45 -6.51
C MET B 172 15.02 -14.38 -7.01
N ILE B 173 15.29 -13.83 -8.20
CA ILE B 173 14.39 -12.87 -8.80
C ILE B 173 13.00 -13.49 -8.94
N HIS B 174 12.92 -14.69 -9.49
CA HIS B 174 11.65 -15.34 -9.75
C HIS B 174 10.88 -15.70 -8.48
N LYS B 175 11.60 -16.22 -7.49
CA LYS B 175 11.03 -16.59 -6.21
C LYS B 175 10.32 -15.39 -5.54
N THR B 176 10.91 -14.20 -5.64
CA THR B 176 10.37 -13.00 -5.01
C THR B 176 9.45 -12.18 -5.95
N LYS B 177 9.94 -11.80 -7.11
CA LYS B 177 9.12 -11.01 -8.04
C LYS B 177 7.77 -11.66 -8.35
N THR B 178 7.77 -12.97 -8.62
CA THR B 178 6.57 -13.68 -9.07
C THR B 178 6.09 -14.74 -8.10
N GLY B 179 7.02 -15.45 -7.49
CA GLY B 179 6.72 -16.62 -6.69
C GLY B 179 5.97 -16.32 -5.42
N ALA B 180 6.28 -15.17 -4.82
CA ALA B 180 5.73 -14.82 -3.51
C ALA B 180 4.20 -14.64 -3.55
N LEU B 181 3.68 -13.99 -4.60
CA LEU B 181 2.24 -13.82 -4.74
C LEU B 181 1.54 -15.14 -4.92
N LEU B 182 2.11 -16.01 -5.76
CA LEU B 182 1.50 -17.30 -6.04
C LEU B 182 1.42 -18.12 -4.78
N THR B 183 2.49 -18.08 -4.00
CA THR B 183 2.55 -18.79 -2.74
C THR B 183 1.55 -18.20 -1.76
N PHE B 184 1.36 -16.88 -1.80
CA PHE B 184 0.32 -16.21 -1.04
C PHE B 184 -1.07 -16.77 -1.38
N ALA B 185 -1.35 -17.02 -2.67
CA ALA B 185 -2.66 -17.48 -3.13
C ALA B 185 -3.04 -18.80 -2.48
N VAL B 186 -2.02 -19.61 -2.19
CA VAL B 186 -2.24 -20.95 -1.68
C VAL B 186 -2.25 -20.92 -0.16
N MET B 187 -1.32 -20.15 0.42
CA MET B 187 -1.15 -20.13 1.87
C MET B 187 -2.20 -19.29 2.60
N SER B 188 -2.68 -18.22 1.96
CA SER B 188 -3.85 -17.48 2.45
C SER B 188 -5.08 -18.40 2.50
N ALA B 189 -5.32 -19.16 1.43
CA ALA B 189 -6.41 -20.14 1.40
C ALA B 189 -6.26 -21.17 2.52
N ALA B 190 -5.03 -21.63 2.76
CA ALA B 190 -4.74 -22.57 3.85
C ALA B 190 -5.05 -21.96 5.22
N ASP B 191 -4.87 -20.66 5.34
CA ASP B 191 -5.15 -19.98 6.60
C ASP B 191 -6.65 -19.76 6.82
N ILE B 192 -7.37 -19.41 5.76
CA ILE B 192 -8.82 -19.28 5.79
C ILE B 192 -9.49 -20.62 6.15
N ALA B 193 -9.04 -21.69 5.49
CA ALA B 193 -9.55 -23.05 5.71
C ALA B 193 -9.16 -23.63 7.08
N ASN B 194 -8.15 -23.04 7.72
CA ASN B 194 -7.66 -23.52 9.02
C ASN B 194 -7.13 -24.98 9.01
N VAL B 195 -6.46 -25.31 7.90
CA VAL B 195 -5.83 -26.58 7.69
C VAL B 195 -4.59 -26.69 8.60
N ASP B 196 -4.09 -27.91 8.84
CA ASP B 196 -2.97 -28.11 9.78
C ASP B 196 -1.59 -27.82 9.18
N ASP B 197 -0.55 -27.86 10.01
CA ASP B 197 0.80 -27.45 9.60
C ASP B 197 1.40 -28.32 8.50
N THR B 198 1.26 -29.64 8.64
CA THR B 198 1.71 -30.59 7.62
C THR B 198 1.09 -30.29 6.25
N THR B 199 -0.23 -30.07 6.22
CA THR B 199 -0.89 -29.70 4.97
C THR B 199 -0.34 -28.39 4.42
N LYS B 200 0.03 -27.46 5.30
CA LYS B 200 0.57 -26.16 4.86
C LYS B 200 1.93 -26.32 4.21
N GLU B 201 2.77 -27.19 4.77
CA GLU B 201 4.12 -27.40 4.26
C GLU B 201 4.12 -28.02 2.88
N HIS B 202 3.18 -28.92 2.62
CA HIS B 202 3.02 -29.48 1.27
C HIS B 202 2.48 -28.43 0.31
N LEU B 203 1.49 -27.65 0.74
CA LEU B 203 0.95 -26.58 -0.08
C LEU B 203 2.00 -25.53 -0.43
N GLU B 204 2.81 -25.16 0.54
CA GLU B 204 3.86 -24.18 0.33
C GLU B 204 4.82 -24.72 -0.73
N SER B 205 5.17 -25.99 -0.58
CA SER B 205 6.11 -26.64 -1.47
C SER B 205 5.55 -26.79 -2.88
N TYR B 206 4.28 -27.16 -2.97
CA TYR B 206 3.58 -27.18 -4.25
C TYR B 206 3.65 -25.83 -4.95
N SER B 207 3.33 -24.77 -4.20
CA SER B 207 3.22 -23.43 -4.78
C SER B 207 4.57 -22.97 -5.30
N TYR B 208 5.61 -23.25 -4.52
CA TYR B 208 6.99 -22.99 -4.91
C TYR B 208 7.33 -23.66 -6.24
N HIS B 209 7.12 -24.97 -6.34
CA HIS B 209 7.42 -25.71 -7.58
C HIS B 209 6.52 -25.30 -8.75
N LEU B 210 5.27 -24.97 -8.47
CA LEU B 210 4.35 -24.47 -9.50
C LEU B 210 4.90 -23.17 -10.13
N GLY B 211 5.33 -22.23 -9.28
CA GLY B 211 5.87 -20.96 -9.71
C GLY B 211 7.10 -21.12 -10.58
N MET B 212 8.06 -21.95 -10.13
CA MET B 212 9.22 -22.26 -10.95
C MET B 212 8.77 -22.91 -12.28
N MET B 213 7.87 -23.88 -12.21
CA MET B 213 7.33 -24.50 -13.42
C MET B 213 6.83 -23.42 -14.38
N PHE B 214 6.05 -22.47 -13.86
CA PHE B 214 5.52 -21.34 -14.65
C PHE B 214 6.60 -20.56 -15.36
N GLN B 215 7.64 -20.20 -14.63
CA GLN B 215 8.71 -19.35 -15.17
C GLN B 215 9.50 -20.06 -16.25
N ILE B 216 9.77 -21.35 -16.04
CA ILE B 216 10.56 -22.11 -17.00
C ILE B 216 9.77 -22.26 -18.31
N LYS B 217 8.49 -22.61 -18.18
CA LYS B 217 7.58 -22.74 -19.32
C LYS B 217 7.58 -21.50 -20.21
N ASP B 218 7.58 -20.33 -19.59
CA ASP B 218 7.53 -19.08 -20.32
C ASP B 218 8.77 -18.88 -21.17
N ASP B 219 9.94 -19.10 -20.61
CA ASP B 219 11.19 -18.99 -21.36
C ASP B 219 11.19 -19.95 -22.56
N LEU B 220 10.65 -21.15 -22.35
CA LEU B 220 10.55 -22.15 -23.40
C LEU B 220 9.59 -21.73 -24.51
N LEU B 221 8.40 -21.26 -24.11
CA LEU B 221 7.41 -20.76 -25.06
C LEU B 221 7.90 -19.58 -25.90
N ASP B 222 8.79 -18.77 -25.34
CA ASP B 222 9.37 -17.61 -26.02
C ASP B 222 10.30 -17.93 -27.21
N CYS B 223 10.63 -19.21 -27.41
CA CYS B 223 11.32 -19.67 -28.63
C CYS B 223 10.46 -20.64 -29.47
N SER B 243 20.17 -14.20 -17.92
CA SER B 243 19.00 -13.65 -18.61
C SER B 243 17.73 -14.54 -18.51
N THR B 244 17.74 -15.70 -19.17
CA THR B 244 16.62 -16.66 -19.06
C THR B 244 17.10 -18.10 -18.79
N TYR B 245 16.16 -19.01 -18.59
CA TYR B 245 16.45 -20.42 -18.35
C TYR B 245 17.07 -21.07 -19.57
N VAL B 246 16.53 -20.73 -20.74
CA VAL B 246 17.04 -21.22 -22.02
C VAL B 246 18.44 -20.69 -22.30
N SER B 247 18.67 -19.40 -22.08
CA SER B 247 19.98 -18.82 -22.39
C SER B 247 21.08 -19.31 -21.45
N LEU B 248 20.72 -19.74 -20.25
CA LEU B 248 21.68 -20.22 -19.27
C LEU B 248 21.95 -21.72 -19.37
N LEU B 249 20.90 -22.52 -19.57
CA LEU B 249 21.03 -23.96 -19.59
C LEU B 249 20.93 -24.59 -20.98
N GLY B 250 20.42 -23.82 -21.95
CA GLY B 250 20.06 -24.38 -23.23
C GLY B 250 18.70 -25.04 -23.14
N LYS B 251 18.06 -25.26 -24.29
CA LYS B 251 16.70 -25.79 -24.35
C LYS B 251 16.46 -27.08 -23.54
N ASP B 252 17.32 -28.08 -23.69
CA ASP B 252 17.16 -29.38 -23.02
C ASP B 252 17.37 -29.29 -21.53
N GLY B 253 18.30 -28.43 -21.11
CA GLY B 253 18.51 -28.15 -19.71
C GLY B 253 17.28 -27.51 -19.09
N ALA B 254 16.70 -26.55 -19.83
CA ALA B 254 15.47 -25.87 -19.42
C ALA B 254 14.33 -26.86 -19.30
N GLU B 255 14.22 -27.77 -20.27
CA GLU B 255 13.21 -28.82 -20.26
C GLU B 255 13.37 -29.80 -19.10
N ASP B 256 14.61 -30.11 -18.72
CA ASP B 256 14.88 -30.95 -17.55
C ASP B 256 14.28 -30.28 -16.30
N LYS B 257 14.62 -29.00 -16.09
CA LYS B 257 14.13 -28.23 -14.95
C LYS B 257 12.60 -28.14 -14.91
N LEU B 258 11.99 -27.85 -16.06
CA LEU B 258 10.54 -27.80 -16.17
C LEU B 258 9.88 -29.06 -15.61
N THR B 259 10.34 -30.22 -16.07
CA THR B 259 9.79 -31.51 -15.68
C THR B 259 10.10 -31.80 -14.22
N TYR B 260 11.30 -31.46 -13.78
CA TYR B 260 11.64 -31.62 -12.38
C TYR B 260 10.62 -30.92 -11.49
N HIS B 261 10.24 -29.69 -11.86
CA HIS B 261 9.34 -28.88 -11.04
C HIS B 261 7.88 -29.34 -11.11
N ARG B 262 7.44 -29.75 -12.31
CA ARG B 262 6.11 -30.33 -12.49
C ARG B 262 5.94 -31.55 -11.59
N ASP B 263 7.00 -32.37 -11.48
CA ASP B 263 6.89 -33.63 -10.77
C ASP B 263 6.95 -33.41 -9.29
N ALA B 264 7.76 -32.43 -8.87
CA ALA B 264 7.85 -32.10 -7.46
C ALA B 264 6.52 -31.49 -6.99
N ALA B 265 5.89 -30.69 -7.83
CA ALA B 265 4.61 -30.07 -7.48
C ALA B 265 3.56 -31.16 -7.26
N VAL B 266 3.46 -32.08 -8.21
CA VAL B 266 2.58 -33.23 -8.10
C VAL B 266 2.93 -34.14 -6.88
N ASP B 267 4.22 -34.40 -6.62
CA ASP B 267 4.64 -35.18 -5.43
C ASP B 267 4.10 -34.62 -4.11
N GLU B 268 4.09 -33.30 -4.01
CA GLU B 268 3.57 -32.63 -2.83
C GLU B 268 2.06 -32.82 -2.73
N LEU B 269 1.37 -32.74 -3.87
CA LEU B 269 -0.07 -32.98 -3.92
C LEU B 269 -0.51 -34.36 -3.50
N THR B 270 0.32 -35.38 -3.75
CA THR B 270 -0.08 -36.74 -3.40
C THR B 270 0.20 -37.07 -1.92
N GLN B 271 1.08 -36.30 -1.29
CA GLN B 271 1.37 -36.46 0.15
C GLN B 271 0.31 -35.81 1.05
N ILE B 272 -0.57 -35.00 0.48
CA ILE B 272 -1.58 -34.30 1.27
C ILE B 272 -2.67 -35.26 1.77
N ASP B 273 -3.06 -35.07 3.03
CA ASP B 273 -4.13 -35.83 3.67
C ASP B 273 -5.29 -36.04 2.71
N GLU B 274 -5.74 -37.28 2.55
CA GLU B 274 -6.72 -37.56 1.49
C GLU B 274 -8.18 -37.18 1.79
N GLN B 275 -8.43 -36.61 2.96
CA GLN B 275 -9.68 -35.90 3.19
C GLN B 275 -9.83 -34.72 2.22
N PHE B 276 -8.70 -34.26 1.66
CA PHE B 276 -8.69 -33.18 0.68
C PHE B 276 -8.47 -33.74 -0.71
N ASN B 277 -9.39 -33.44 -1.61
CA ASN B 277 -9.24 -33.81 -3.01
C ASN B 277 -8.39 -32.77 -3.74
N THR B 278 -7.19 -33.15 -4.17
CA THR B 278 -6.24 -32.22 -4.78
C THR B 278 -6.38 -32.11 -6.30
N LYS B 279 -7.44 -32.69 -6.83
CA LYS B 279 -7.66 -32.74 -8.27
C LYS B 279 -7.51 -31.39 -8.99
N HIS B 280 -8.09 -30.32 -8.44
CA HIS B 280 -8.04 -28.99 -9.09
C HIS B 280 -6.63 -28.46 -9.19
N LEU B 281 -5.86 -28.64 -8.13
CA LEU B 281 -4.48 -28.22 -8.09
C LEU B 281 -3.60 -28.99 -9.08
N LEU B 282 -3.91 -30.26 -9.26
CA LEU B 282 -3.28 -31.09 -10.27
C LEU B 282 -3.64 -30.62 -11.69
N GLU B 283 -4.90 -30.22 -11.88
CA GLU B 283 -5.36 -29.76 -13.18
C GLU B 283 -4.66 -28.46 -13.59
N ILE B 284 -4.19 -27.71 -12.60
CA ILE B 284 -3.48 -26.47 -12.87
C ILE B 284 -2.08 -26.77 -13.39
N VAL B 285 -1.31 -27.62 -12.70
CA VAL B 285 0.04 -27.93 -13.16
C VAL B 285 0.00 -28.50 -14.57
N ASP B 286 -1.01 -29.33 -14.85
CA ASP B 286 -1.09 -29.99 -16.14
C ASP B 286 -1.54 -29.07 -17.28
N LEU B 287 -2.38 -28.10 -16.96
CA LEU B 287 -2.81 -27.08 -17.91
C LEU B 287 -1.62 -26.29 -18.45
N PHE B 288 -0.72 -25.92 -17.56
CA PHE B 288 0.38 -25.03 -17.90
C PHE B 288 1.65 -25.76 -18.30
N TYR B 289 1.78 -27.01 -17.88
CA TYR B 289 2.90 -27.84 -18.31
C TYR B 289 2.74 -28.19 -19.79
N SER B 290 1.51 -28.53 -20.19
CA SER B 290 1.20 -29.00 -21.54
C SER B 290 1.22 -27.88 -22.59
N ARG B 291 0.86 -26.66 -22.16
CA ARG B 291 1.02 -25.44 -22.97
C ARG B 291 0.02 -24.35 -22.55
#